data_187D
# 
_entry.id   187D 
# 
_audit_conform.dict_name       mmcif_pdbx.dic 
_audit_conform.dict_version    5.385 
_audit_conform.dict_location   http://mmcif.pdb.org/dictionaries/ascii/mmcif_pdbx.dic 
# 
loop_
_database_2.database_id 
_database_2.database_code 
_database_2.pdbx_database_accession 
_database_2.pdbx_DOI 
PDB   187D         pdb_0000187d 10.2210/pdb187d/pdb 
RCSB  ADH056       ?            ?                   
WWPDB D_1000170193 ?            ?                   
# 
loop_
_pdbx_audit_revision_history.ordinal 
_pdbx_audit_revision_history.data_content_type 
_pdbx_audit_revision_history.major_revision 
_pdbx_audit_revision_history.minor_revision 
_pdbx_audit_revision_history.revision_date 
1 'Structure model' 1 0 1995-02-07 
2 'Structure model' 1 1 2008-05-22 
3 'Structure model' 1 2 2011-07-13 
4 'Structure model' 1 3 2024-02-07 
# 
_pdbx_audit_revision_details.ordinal             1 
_pdbx_audit_revision_details.revision_ordinal    1 
_pdbx_audit_revision_details.data_content_type   'Structure model' 
_pdbx_audit_revision_details.provider            repository 
_pdbx_audit_revision_details.type                'Initial release' 
_pdbx_audit_revision_details.description         ? 
_pdbx_audit_revision_details.details             ? 
# 
loop_
_pdbx_audit_revision_group.ordinal 
_pdbx_audit_revision_group.revision_ordinal 
_pdbx_audit_revision_group.data_content_type 
_pdbx_audit_revision_group.group 
1 2 'Structure model' 'Version format compliance' 
2 3 'Structure model' 'Version format compliance' 
3 4 'Structure model' 'Data collection'           
4 4 'Structure model' 'Database references'       
# 
loop_
_pdbx_audit_revision_category.ordinal 
_pdbx_audit_revision_category.revision_ordinal 
_pdbx_audit_revision_category.data_content_type 
_pdbx_audit_revision_category.category 
1 4 'Structure model' chem_comp_atom 
2 4 'Structure model' chem_comp_bond 
3 4 'Structure model' database_2     
# 
loop_
_pdbx_audit_revision_item.ordinal 
_pdbx_audit_revision_item.revision_ordinal 
_pdbx_audit_revision_item.data_content_type 
_pdbx_audit_revision_item.item 
1 4 'Structure model' '_database_2.pdbx_DOI'                
2 4 'Structure model' '_database_2.pdbx_database_accession' 
# 
_pdbx_database_status.status_code                     REL 
_pdbx_database_status.entry_id                        187D 
_pdbx_database_status.recvd_initial_deposition_date   1994-09-02 
_pdbx_database_status.deposit_site                    BNL 
_pdbx_database_status.process_site                    NDB 
_pdbx_database_status.SG_entry                        . 
_pdbx_database_status.pdb_format_compatible           Y 
_pdbx_database_status.status_code_mr                  ? 
_pdbx_database_status.status_code_sf                  ? 
_pdbx_database_status.status_code_cs                  ? 
_pdbx_database_status.status_code_nmr_data            ? 
_pdbx_database_status.methods_development_category    ? 
# 
loop_
_audit_author.name 
_audit_author.pdbx_ordinal 
'Eisenstein, M.' 1 
'Shakked, Z.'    2 
# 
loop_
_citation.id 
_citation.title 
_citation.journal_abbrev 
_citation.journal_volume 
_citation.page_first 
_citation.page_last 
_citation.year 
_citation.journal_id_ASTM 
_citation.country 
_citation.journal_id_ISSN 
_citation.journal_id_CSD 
_citation.book_publisher 
_citation.pdbx_database_id_PubMed 
_citation.pdbx_database_id_DOI 
primary 'Hydration patterns and intermolecular interactions in A-DNA crystal structures. Implications for DNA recognition.' 
J.Mol.Biol.          248 662 678 1995 JMOBAK UK 0022-2836 0070 ? 7752232 10.1006/jmbi.1995.0250 
1       'The Crystal Structure of d(CCCCGGGG): A New A-Form Variant with an Extended Backbone Conformation'                 
J.Biomol.Struct.Dyn. 5   199 217 1987 JBSDD6 US 0739-1102 0646 ? ?       ?                      
# 
loop_
_citation_author.citation_id 
_citation_author.name 
_citation_author.ordinal 
_citation_author.identifier_ORCID 
primary 'Eisenstein, M.' 1 ? 
primary 'Shakked, Z.'    2 ? 
1       'Haran, T.E.'    3 ? 
1       'Shakked, Z.'    4 ? 
1       'Wang, A.H.-J.'  5 ? 
1       'Rich, A.'       6 ? 
# 
loop_
_entity.id 
_entity.type 
_entity.src_method 
_entity.pdbx_description 
_entity.formula_weight 
_entity.pdbx_number_of_molecules 
_entity.pdbx_ec 
_entity.pdbx_mutation 
_entity.pdbx_fragment 
_entity.details 
1 polymer syn 
;DNA (5'-D(*CP*CP*CP*CP*GP*GP*GP*G)-3')
;
2428.593 1  ? ? ? ? 
2 water   nat water                                    18.015   39 ? ? ? ? 
# 
_entity_poly.entity_id                      1 
_entity_poly.type                           polydeoxyribonucleotide 
_entity_poly.nstd_linkage                   no 
_entity_poly.nstd_monomer                   no 
_entity_poly.pdbx_seq_one_letter_code       '(DC)(DC)(DC)(DC)(DG)(DG)(DG)(DG)' 
_entity_poly.pdbx_seq_one_letter_code_can   CCCCGGGG 
_entity_poly.pdbx_strand_id                 A 
_entity_poly.pdbx_target_identifier         ? 
# 
_pdbx_entity_nonpoly.entity_id   2 
_pdbx_entity_nonpoly.name        water 
_pdbx_entity_nonpoly.comp_id     HOH 
# 
loop_
_entity_poly_seq.entity_id 
_entity_poly_seq.num 
_entity_poly_seq.mon_id 
_entity_poly_seq.hetero 
1 1 DC n 
1 2 DC n 
1 3 DC n 
1 4 DC n 
1 5 DG n 
1 6 DG n 
1 7 DG n 
1 8 DG n 
# 
loop_
_chem_comp.id 
_chem_comp.type 
_chem_comp.mon_nstd_flag 
_chem_comp.name 
_chem_comp.pdbx_synonyms 
_chem_comp.formula 
_chem_comp.formula_weight 
DC  'DNA linking' y "2'-DEOXYCYTIDINE-5'-MONOPHOSPHATE"  ? 'C9 H14 N3 O7 P'  307.197 
DG  'DNA linking' y "2'-DEOXYGUANOSINE-5'-MONOPHOSPHATE" ? 'C10 H14 N5 O7 P' 347.221 
HOH non-polymer   . WATER                                ? 'H2 O'            18.015  
# 
loop_
_pdbx_poly_seq_scheme.asym_id 
_pdbx_poly_seq_scheme.entity_id 
_pdbx_poly_seq_scheme.seq_id 
_pdbx_poly_seq_scheme.mon_id 
_pdbx_poly_seq_scheme.ndb_seq_num 
_pdbx_poly_seq_scheme.pdb_seq_num 
_pdbx_poly_seq_scheme.auth_seq_num 
_pdbx_poly_seq_scheme.pdb_mon_id 
_pdbx_poly_seq_scheme.auth_mon_id 
_pdbx_poly_seq_scheme.pdb_strand_id 
_pdbx_poly_seq_scheme.pdb_ins_code 
_pdbx_poly_seq_scheme.hetero 
A 1 1 DC 1 1 1 DC C A . n 
A 1 2 DC 2 2 2 DC C A . n 
A 1 3 DC 3 3 3 DC C A . n 
A 1 4 DC 4 4 4 DC C A . n 
A 1 5 DG 5 5 5 DG G A . n 
A 1 6 DG 6 6 6 DG G A . n 
A 1 7 DG 7 7 7 DG G A . n 
A 1 8 DG 8 8 8 DG G A . n 
# 
loop_
_pdbx_nonpoly_scheme.asym_id 
_pdbx_nonpoly_scheme.entity_id 
_pdbx_nonpoly_scheme.mon_id 
_pdbx_nonpoly_scheme.ndb_seq_num 
_pdbx_nonpoly_scheme.pdb_seq_num 
_pdbx_nonpoly_scheme.auth_seq_num 
_pdbx_nonpoly_scheme.pdb_mon_id 
_pdbx_nonpoly_scheme.auth_mon_id 
_pdbx_nonpoly_scheme.pdb_strand_id 
_pdbx_nonpoly_scheme.pdb_ins_code 
B 2 HOH 1  9  9  HOH HOH A . 
B 2 HOH 2  10 10 HOH HOH A . 
B 2 HOH 3  11 11 HOH HOH A . 
B 2 HOH 4  12 12 HOH HOH A . 
B 2 HOH 5  13 13 HOH HOH A . 
B 2 HOH 6  14 14 HOH HOH A . 
B 2 HOH 7  15 15 HOH HOH A . 
B 2 HOH 8  16 16 HOH HOH A . 
B 2 HOH 9  17 17 HOH HOH A . 
B 2 HOH 10 18 18 HOH HOH A . 
B 2 HOH 11 19 19 HOH HOH A . 
B 2 HOH 12 20 20 HOH HOH A . 
B 2 HOH 13 21 21 HOH HOH A . 
B 2 HOH 14 22 22 HOH HOH A . 
B 2 HOH 15 23 23 HOH HOH A . 
B 2 HOH 16 24 24 HOH HOH A . 
B 2 HOH 17 25 25 HOH HOH A . 
B 2 HOH 18 26 26 HOH HOH A . 
B 2 HOH 19 27 27 HOH HOH A . 
B 2 HOH 20 28 28 HOH HOH A . 
B 2 HOH 21 29 29 HOH HOH A . 
B 2 HOH 22 30 30 HOH HOH A . 
B 2 HOH 23 31 31 HOH HOH A . 
B 2 HOH 24 32 32 HOH HOH A . 
B 2 HOH 25 33 33 HOH HOH A . 
B 2 HOH 26 34 34 HOH HOH A . 
B 2 HOH 27 35 35 HOH HOH A . 
B 2 HOH 28 36 36 HOH HOH A . 
B 2 HOH 29 37 37 HOH HOH A . 
B 2 HOH 30 38 38 HOH HOH A . 
B 2 HOH 31 39 39 HOH HOH A . 
B 2 HOH 32 40 40 HOH HOH A . 
B 2 HOH 33 41 41 HOH HOH A . 
B 2 HOH 34 42 42 HOH HOH A . 
B 2 HOH 35 43 43 HOH HOH A . 
B 2 HOH 36 44 44 HOH HOH A . 
B 2 HOH 37 45 45 HOH HOH A . 
B 2 HOH 38 46 46 HOH HOH A . 
B 2 HOH 39 47 47 HOH HOH A . 
# 
_software.name             NUCLSQ 
_software.classification   refinement 
_software.version          . 
_software.citation_id      ? 
_software.pdbx_ordinal     1 
# 
_cell.entry_id           187D 
_cell.length_a           43.360 
_cell.length_b           43.360 
_cell.length_c           24.830 
_cell.angle_alpha        90.00 
_cell.angle_beta         90.00 
_cell.angle_gamma        90.00 
_cell.Z_PDB              8 
_cell.pdbx_unique_axis   ? 
# 
_symmetry.entry_id                         187D 
_symmetry.space_group_name_H-M             'P 43 21 2' 
_symmetry.pdbx_full_space_group_name_H-M   ? 
_symmetry.cell_setting                     ? 
_symmetry.Int_Tables_number                96 
# 
_exptl.entry_id          187D 
_exptl.method            'X-RAY DIFFRACTION' 
_exptl.crystals_number   ? 
# 
_exptl_crystal.id                    1 
_exptl_crystal.density_meas          ? 
_exptl_crystal.density_Matthews      2.40 
_exptl_crystal.density_percent_sol   48.81 
_exptl_crystal.description           ? 
# 
_exptl_crystal_grow.crystal_id      1 
_exptl_crystal_grow.method          'VAPOR DIFFUSION' 
_exptl_crystal_grow.temp            ? 
_exptl_crystal_grow.temp_details    ? 
_exptl_crystal_grow.pH              7.00 
_exptl_crystal_grow.pdbx_details    'pH 7.00, VAPOR DIFFUSION' 
_exptl_crystal_grow.pdbx_pH_range   ? 
# 
loop_
_exptl_crystal_grow_comp.crystal_id 
_exptl_crystal_grow_comp.id 
_exptl_crystal_grow_comp.sol_id 
_exptl_crystal_grow_comp.name 
_exptl_crystal_grow_comp.volume 
_exptl_crystal_grow_comp.conc 
_exptl_crystal_grow_comp.details 
1 1 1 WATER           ? ? ? 
1 2 1 MPD             ? ? ? 
1 3 1 'NA CACODYLATE' ? ? ? 
1 4 1 SPERMINE        ? ? ? 
1 5 1 MGCL2           ? ? ? 
1 6 2 WATER           ? ? ? 
1 7 2 MPD             ? ? ? 
# 
_diffrn.id                     1 
_diffrn.ambient_temp           288.00 
_diffrn.ambient_temp_details   ? 
_diffrn.crystal_id             1 
# 
_diffrn_detector.diffrn_id              1 
_diffrn_detector.detector               DIFFRACTOMETER 
_diffrn_detector.type                   NICOLET 
_diffrn_detector.pdbx_collection_date   ? 
_diffrn_detector.details                ? 
# 
_diffrn_radiation.diffrn_id                        1 
_diffrn_radiation.wavelength_id                    1 
_diffrn_radiation.pdbx_monochromatic_or_laue_m_l   ? 
_diffrn_radiation.monochromator                    ? 
_diffrn_radiation.pdbx_diffrn_protocol             ? 
_diffrn_radiation.pdbx_scattering_type             x-ray 
# 
_diffrn_radiation_wavelength.id           1 
_diffrn_radiation_wavelength.wavelength   . 
_diffrn_radiation_wavelength.wt           1.0 
# 
_diffrn_source.diffrn_id                   1 
_diffrn_source.source                      ? 
_diffrn_source.type                        ? 
_diffrn_source.pdbx_synchrotron_site       ? 
_diffrn_source.pdbx_synchrotron_beamline   ? 
_diffrn_source.pdbx_wavelength             ? 
_diffrn_source.pdbx_wavelength_list        ? 
# 
_reflns.entry_id                     187D 
_reflns.observed_criterion_sigma_I   ? 
_reflns.observed_criterion_sigma_F   ? 
_reflns.d_resolution_low             ? 
_reflns.d_resolution_high            2.250 
_reflns.number_obs                   ? 
_reflns.number_all                   ? 
_reflns.percent_possible_obs         ? 
_reflns.pdbx_Rmerge_I_obs            ? 
_reflns.pdbx_Rsym_value              ? 
_reflns.pdbx_netI_over_sigmaI        ? 
_reflns.B_iso_Wilson_estimate        ? 
_reflns.pdbx_redundancy              ? 
_reflns.pdbx_diffrn_id               1 
_reflns.pdbx_ordinal                 1 
# 
_refine.entry_id                                 187D 
_refine.ls_number_reflns_obs                     816 
_refine.ls_number_reflns_all                     ? 
_refine.pdbx_ls_sigma_I                          ? 
_refine.pdbx_ls_sigma_F                          2.000 
_refine.pdbx_data_cutoff_high_absF               ? 
_refine.pdbx_data_cutoff_low_absF                ? 
_refine.pdbx_data_cutoff_high_rms_absF           ? 
_refine.ls_d_res_low                             8.000 
_refine.ls_d_res_high                            2.250 
_refine.ls_percent_reflns_obs                    ? 
_refine.ls_R_factor_obs                          0.1340000 
_refine.ls_R_factor_all                          ? 
_refine.ls_R_factor_R_work                       ? 
_refine.ls_R_factor_R_free                       ? 
_refine.ls_R_factor_R_free_error                 ? 
_refine.ls_R_factor_R_free_error_details         ? 
_refine.ls_percent_reflns_R_free                 ? 
_refine.ls_number_reflns_R_free                  ? 
_refine.ls_number_parameters                     ? 
_refine.ls_number_restraints                     ? 
_refine.occupancy_min                            ? 
_refine.occupancy_max                            ? 
_refine.B_iso_mean                               ? 
_refine.aniso_B[1][1]                            ? 
_refine.aniso_B[2][2]                            ? 
_refine.aniso_B[3][3]                            ? 
_refine.aniso_B[1][2]                            ? 
_refine.aniso_B[1][3]                            ? 
_refine.aniso_B[2][3]                            ? 
_refine.solvent_model_details                    ? 
_refine.solvent_model_param_ksol                 ? 
_refine.solvent_model_param_bsol                 ? 
_refine.pdbx_ls_cross_valid_method               ? 
_refine.details                                  ? 
_refine.pdbx_starting_model                      ? 
_refine.pdbx_method_to_determine_struct          ? 
_refine.pdbx_isotropic_thermal_model             ? 
_refine.pdbx_stereochemistry_target_values       ? 
_refine.pdbx_stereochem_target_val_spec_case     ? 
_refine.pdbx_R_Free_selection_details            ? 
_refine.pdbx_overall_ESU_R                       ? 
_refine.pdbx_overall_ESU_R_Free                  ? 
_refine.overall_SU_ML                            ? 
_refine.overall_SU_B                             ? 
_refine.pdbx_refine_id                           'X-RAY DIFFRACTION' 
_refine.pdbx_diffrn_id                           1 
_refine.pdbx_TLS_residual_ADP_flag               ? 
_refine.correlation_coeff_Fo_to_Fc               ? 
_refine.correlation_coeff_Fo_to_Fc_free          ? 
_refine.pdbx_solvent_vdw_probe_radii             ? 
_refine.pdbx_solvent_ion_probe_radii             ? 
_refine.pdbx_solvent_shrinkage_radii             ? 
_refine.pdbx_overall_phase_error                 ? 
_refine.overall_SU_R_Cruickshank_DPI             ? 
_refine.pdbx_overall_SU_R_free_Cruickshank_DPI   ? 
_refine.pdbx_overall_SU_R_Blow_DPI               ? 
_refine.pdbx_overall_SU_R_free_Blow_DPI          ? 
# 
_refine_hist.pdbx_refine_id                   'X-RAY DIFFRACTION' 
_refine_hist.cycle_id                         LAST 
_refine_hist.pdbx_number_atoms_protein        0 
_refine_hist.pdbx_number_atoms_nucleic_acid   161 
_refine_hist.pdbx_number_atoms_ligand         0 
_refine_hist.number_atoms_solvent             39 
_refine_hist.number_atoms_total               200 
_refine_hist.d_res_high                       2.250 
_refine_hist.d_res_low                        8.000 
# 
loop_
_refine_ls_restr.type 
_refine_ls_restr.dev_ideal 
_refine_ls_restr.dev_ideal_target 
_refine_ls_restr.weight 
_refine_ls_restr.number 
_refine_ls_restr.pdbx_refine_id 
_refine_ls_restr.pdbx_restraint_function 
n_bond_d               0.006 0.020 ? ? 'X-RAY DIFFRACTION' ? 
n_angle_d              0.019 0.040 ? ? 'X-RAY DIFFRACTION' ? 
n_planar_d             ?     ?     ? ? 'X-RAY DIFFRACTION' ? 
n_hb_or_metal_coord    ?     ?     ? ? 'X-RAY DIFFRACTION' ? 
n_sugar_bond_it        1.438 3.000 ? ? 'X-RAY DIFFRACTION' ? 
n_sugar_angle_it       2.250 5.000 ? ? 'X-RAY DIFFRACTION' ? 
n_phos_bond_it         1.292 3.000 ? ? 'X-RAY DIFFRACTION' ? 
n_phos_angle_it        2.317 5.000 ? ? 'X-RAY DIFFRACTION' ? 
n_bond_angle_restr     ?     ?     ? ? 'X-RAY DIFFRACTION' ? 
n_dihedral_angle_restr ?     ?     ? ? 'X-RAY DIFFRACTION' ? 
n_impr_tor             ?     ?     ? ? 'X-RAY DIFFRACTION' ? 
n_sugar_bond_d         ?     ?     ? ? 'X-RAY DIFFRACTION' ? 
n_sugar_bond_angle_d   ?     ?     ? ? 'X-RAY DIFFRACTION' ? 
n_phos_bond_d          0.013 0.030 ? ? 'X-RAY DIFFRACTION' ? 
n_phos_bond_angle_d    0.034 0.060 ? ? 'X-RAY DIFFRACTION' ? 
n_plane_restr          0.007 0.020 ? ? 'X-RAY DIFFRACTION' ? 
n_chiral_restr         0.010 0.040 ? ? 'X-RAY DIFFRACTION' ? 
n_singtor_nbd          0.129 0.200 ? ? 'X-RAY DIFFRACTION' ? 
n_multtor_nbd          0.160 0.200 ? ? 'X-RAY DIFFRACTION' ? 
n_xhyhbond_nbd         ?     ?     ? ? 'X-RAY DIFFRACTION' ? 
# 
_struct.entry_id                  187D 
_struct.title                     
'HYDRATION PATTERNS AND INTERMOLECULAR INTERACTIONS IN A-DNA CRYSTAL STRUCTURES. IMPLICATIONS FOR DNA RECOGNITION' 
_struct.pdbx_model_details        ? 
_struct.pdbx_CASP_flag            ? 
_struct.pdbx_model_type_details   ? 
# 
_struct_keywords.entry_id        187D 
_struct_keywords.pdbx_keywords   DNA 
_struct_keywords.text            'A-DNA, DOUBLE HELIX, DNA' 
# 
loop_
_struct_asym.id 
_struct_asym.pdbx_blank_PDB_chainid_flag 
_struct_asym.pdbx_modified 
_struct_asym.entity_id 
_struct_asym.details 
A N N 1 ? 
B N N 2 ? 
# 
_struct_ref.id                         1 
_struct_ref.entity_id                  1 
_struct_ref.db_name                    PDB 
_struct_ref.db_code                    187D 
_struct_ref.pdbx_db_accession          187D 
_struct_ref.pdbx_db_isoform            ? 
_struct_ref.pdbx_seq_one_letter_code   ? 
_struct_ref.pdbx_align_begin           ? 
# 
_struct_ref_seq.align_id                      1 
_struct_ref_seq.ref_id                        1 
_struct_ref_seq.pdbx_PDB_id_code              187D 
_struct_ref_seq.pdbx_strand_id                A 
_struct_ref_seq.seq_align_beg                 1 
_struct_ref_seq.pdbx_seq_align_beg_ins_code   ? 
_struct_ref_seq.seq_align_end                 8 
_struct_ref_seq.pdbx_seq_align_end_ins_code   ? 
_struct_ref_seq.pdbx_db_accession             187D 
_struct_ref_seq.db_align_beg                  1 
_struct_ref_seq.pdbx_db_align_beg_ins_code    ? 
_struct_ref_seq.db_align_end                  8 
_struct_ref_seq.pdbx_db_align_end_ins_code    ? 
_struct_ref_seq.pdbx_auth_seq_align_beg       1 
_struct_ref_seq.pdbx_auth_seq_align_end       8 
# 
_pdbx_struct_assembly.id                   1 
_pdbx_struct_assembly.details              author_defined_assembly 
_pdbx_struct_assembly.method_details       ? 
_pdbx_struct_assembly.oligomeric_details   dimeric 
_pdbx_struct_assembly.oligomeric_count     2 
# 
_pdbx_struct_assembly_gen.assembly_id       1 
_pdbx_struct_assembly_gen.oper_expression   1,2 
_pdbx_struct_assembly_gen.asym_id_list      A,B 
# 
loop_
_pdbx_struct_oper_list.id 
_pdbx_struct_oper_list.type 
_pdbx_struct_oper_list.name 
_pdbx_struct_oper_list.symmetry_operation 
_pdbx_struct_oper_list.matrix[1][1] 
_pdbx_struct_oper_list.matrix[1][2] 
_pdbx_struct_oper_list.matrix[1][3] 
_pdbx_struct_oper_list.vector[1] 
_pdbx_struct_oper_list.matrix[2][1] 
_pdbx_struct_oper_list.matrix[2][2] 
_pdbx_struct_oper_list.matrix[2][3] 
_pdbx_struct_oper_list.vector[2] 
_pdbx_struct_oper_list.matrix[3][1] 
_pdbx_struct_oper_list.matrix[3][2] 
_pdbx_struct_oper_list.matrix[3][3] 
_pdbx_struct_oper_list.vector[3] 
1 'identity operation'         1_555 x,y,z  1.0000000000  0.0000000000  0.0000000000  0.0000000000 0.0000000000  1.0000000000 0.0000000000 0.0000000000  0.0000000000  0.0000000000 1.0000000000  0.0000000000 
2 'crystal symmetry operation' 7_555 y,x,-z -0.9683946298 -0.2063872278 -0.1400576782 4.8545143863 -0.2063872278 0.3477357644 0.9145950745 -0.2038173563 -0.1400576782 0.9145950745 -0.3793411346 1.3958108267 
# 
_struct_biol.id   1 
# 
loop_
_struct_conn.id 
_struct_conn.conn_type_id 
_struct_conn.pdbx_leaving_atom_flag 
_struct_conn.pdbx_PDB_id 
_struct_conn.ptnr1_label_asym_id 
_struct_conn.ptnr1_label_comp_id 
_struct_conn.ptnr1_label_seq_id 
_struct_conn.ptnr1_label_atom_id 
_struct_conn.pdbx_ptnr1_label_alt_id 
_struct_conn.pdbx_ptnr1_PDB_ins_code 
_struct_conn.pdbx_ptnr1_standard_comp_id 
_struct_conn.ptnr1_symmetry 
_struct_conn.ptnr2_label_asym_id 
_struct_conn.ptnr2_label_comp_id 
_struct_conn.ptnr2_label_seq_id 
_struct_conn.ptnr2_label_atom_id 
_struct_conn.pdbx_ptnr2_label_alt_id 
_struct_conn.pdbx_ptnr2_PDB_ins_code 
_struct_conn.ptnr1_auth_asym_id 
_struct_conn.ptnr1_auth_comp_id 
_struct_conn.ptnr1_auth_seq_id 
_struct_conn.ptnr2_auth_asym_id 
_struct_conn.ptnr2_auth_comp_id 
_struct_conn.ptnr2_auth_seq_id 
_struct_conn.ptnr2_symmetry 
_struct_conn.pdbx_ptnr3_label_atom_id 
_struct_conn.pdbx_ptnr3_label_seq_id 
_struct_conn.pdbx_ptnr3_label_comp_id 
_struct_conn.pdbx_ptnr3_label_asym_id 
_struct_conn.pdbx_ptnr3_label_alt_id 
_struct_conn.pdbx_ptnr3_PDB_ins_code 
_struct_conn.details 
_struct_conn.pdbx_dist_value 
_struct_conn.pdbx_value_order 
_struct_conn.pdbx_role 
hydrog1  hydrog ? ? A DC 1 N3 ? ? ? 1_555 A DG 8 N1 ? ? A DC 1 A DG 8 7_555 ? ? ? ? ? ? WATSON-CRICK ? ? ? 
hydrog2  hydrog ? ? A DC 1 N4 ? ? ? 1_555 A DG 8 O6 ? ? A DC 1 A DG 8 7_555 ? ? ? ? ? ? WATSON-CRICK ? ? ? 
hydrog3  hydrog ? ? A DC 1 O2 ? ? ? 1_555 A DG 8 N2 ? ? A DC 1 A DG 8 7_555 ? ? ? ? ? ? WATSON-CRICK ? ? ? 
hydrog4  hydrog ? ? A DC 2 N3 ? ? ? 1_555 A DG 7 N1 ? ? A DC 2 A DG 7 7_555 ? ? ? ? ? ? WATSON-CRICK ? ? ? 
hydrog5  hydrog ? ? A DC 2 N4 ? ? ? 1_555 A DG 7 O6 ? ? A DC 2 A DG 7 7_555 ? ? ? ? ? ? WATSON-CRICK ? ? ? 
hydrog6  hydrog ? ? A DC 2 O2 ? ? ? 1_555 A DG 7 N2 ? ? A DC 2 A DG 7 7_555 ? ? ? ? ? ? WATSON-CRICK ? ? ? 
hydrog7  hydrog ? ? A DC 3 N3 ? ? ? 1_555 A DG 6 N1 ? ? A DC 3 A DG 6 7_555 ? ? ? ? ? ? WATSON-CRICK ? ? ? 
hydrog8  hydrog ? ? A DC 3 N4 ? ? ? 1_555 A DG 6 O6 ? ? A DC 3 A DG 6 7_555 ? ? ? ? ? ? WATSON-CRICK ? ? ? 
hydrog9  hydrog ? ? A DC 3 O2 ? ? ? 1_555 A DG 6 N2 ? ? A DC 3 A DG 6 7_555 ? ? ? ? ? ? WATSON-CRICK ? ? ? 
hydrog10 hydrog ? ? A DC 4 N3 ? ? ? 1_555 A DG 5 N1 ? ? A DC 4 A DG 5 7_555 ? ? ? ? ? ? WATSON-CRICK ? ? ? 
hydrog11 hydrog ? ? A DC 4 N4 ? ? ? 1_555 A DG 5 O6 ? ? A DC 4 A DG 5 7_555 ? ? ? ? ? ? WATSON-CRICK ? ? ? 
hydrog12 hydrog ? ? A DC 4 O2 ? ? ? 1_555 A DG 5 N2 ? ? A DC 4 A DG 5 7_555 ? ? ? ? ? ? WATSON-CRICK ? ? ? 
hydrog13 hydrog ? ? A DG 5 N1 ? ? ? 1_555 A DC 4 N3 ? ? A DG 5 A DC 4 7_555 ? ? ? ? ? ? WATSON-CRICK ? ? ? 
hydrog14 hydrog ? ? A DG 5 N2 ? ? ? 1_555 A DC 4 O2 ? ? A DG 5 A DC 4 7_555 ? ? ? ? ? ? WATSON-CRICK ? ? ? 
hydrog15 hydrog ? ? A DG 5 O6 ? ? ? 1_555 A DC 4 N4 ? ? A DG 5 A DC 4 7_555 ? ? ? ? ? ? WATSON-CRICK ? ? ? 
hydrog16 hydrog ? ? A DG 6 N1 ? ? ? 1_555 A DC 3 N3 ? ? A DG 6 A DC 3 7_555 ? ? ? ? ? ? WATSON-CRICK ? ? ? 
hydrog17 hydrog ? ? A DG 6 N2 ? ? ? 1_555 A DC 3 O2 ? ? A DG 6 A DC 3 7_555 ? ? ? ? ? ? WATSON-CRICK ? ? ? 
hydrog18 hydrog ? ? A DG 6 O6 ? ? ? 1_555 A DC 3 N4 ? ? A DG 6 A DC 3 7_555 ? ? ? ? ? ? WATSON-CRICK ? ? ? 
hydrog19 hydrog ? ? A DG 7 N1 ? ? ? 1_555 A DC 2 N3 ? ? A DG 7 A DC 2 7_555 ? ? ? ? ? ? WATSON-CRICK ? ? ? 
hydrog20 hydrog ? ? A DG 7 N2 ? ? ? 1_555 A DC 2 O2 ? ? A DG 7 A DC 2 7_555 ? ? ? ? ? ? WATSON-CRICK ? ? ? 
hydrog21 hydrog ? ? A DG 7 O6 ? ? ? 1_555 A DC 2 N4 ? ? A DG 7 A DC 2 7_555 ? ? ? ? ? ? WATSON-CRICK ? ? ? 
hydrog22 hydrog ? ? A DG 8 N1 ? ? ? 1_555 A DC 1 N3 ? ? A DG 8 A DC 1 7_555 ? ? ? ? ? ? WATSON-CRICK ? ? ? 
hydrog23 hydrog ? ? A DG 8 N2 ? ? ? 1_555 A DC 1 O2 ? ? A DG 8 A DC 1 7_555 ? ? ? ? ? ? WATSON-CRICK ? ? ? 
hydrog24 hydrog ? ? A DG 8 O6 ? ? ? 1_555 A DC 1 N4 ? ? A DG 8 A DC 1 7_555 ? ? ? ? ? ? WATSON-CRICK ? ? ? 
# 
_struct_conn_type.id          hydrog 
_struct_conn_type.criteria    ? 
_struct_conn_type.reference   ? 
# 
loop_
_pdbx_validate_rmsd_angle.id 
_pdbx_validate_rmsd_angle.PDB_model_num 
_pdbx_validate_rmsd_angle.auth_atom_id_1 
_pdbx_validate_rmsd_angle.auth_asym_id_1 
_pdbx_validate_rmsd_angle.auth_comp_id_1 
_pdbx_validate_rmsd_angle.auth_seq_id_1 
_pdbx_validate_rmsd_angle.PDB_ins_code_1 
_pdbx_validate_rmsd_angle.label_alt_id_1 
_pdbx_validate_rmsd_angle.auth_atom_id_2 
_pdbx_validate_rmsd_angle.auth_asym_id_2 
_pdbx_validate_rmsd_angle.auth_comp_id_2 
_pdbx_validate_rmsd_angle.auth_seq_id_2 
_pdbx_validate_rmsd_angle.PDB_ins_code_2 
_pdbx_validate_rmsd_angle.label_alt_id_2 
_pdbx_validate_rmsd_angle.auth_atom_id_3 
_pdbx_validate_rmsd_angle.auth_asym_id_3 
_pdbx_validate_rmsd_angle.auth_comp_id_3 
_pdbx_validate_rmsd_angle.auth_seq_id_3 
_pdbx_validate_rmsd_angle.PDB_ins_code_3 
_pdbx_validate_rmsd_angle.label_alt_id_3 
_pdbx_validate_rmsd_angle.angle_value 
_pdbx_validate_rmsd_angle.angle_target_value 
_pdbx_validate_rmsd_angle.angle_deviation 
_pdbx_validate_rmsd_angle.angle_standard_deviation 
_pdbx_validate_rmsd_angle.linker_flag 
1 1 "O4'" A DC 2 ? ? "C1'" A DC 2 ? ? N1    A DC 2 ? ? 110.15 108.30 1.85  0.30 N 
2 1 "O5'" A DC 3 ? ? "C5'" A DC 3 ? ? "C4'" A DC 3 ? ? 103.91 109.40 -5.49 0.80 N 
3 1 "C3'" A DC 4 ? ? "O3'" A DC 4 ? ? P     A DG 5 ? ? 112.00 119.70 -7.70 1.20 Y 
# 
loop_
_pdbx_struct_special_symmetry.id 
_pdbx_struct_special_symmetry.PDB_model_num 
_pdbx_struct_special_symmetry.auth_asym_id 
_pdbx_struct_special_symmetry.auth_comp_id 
_pdbx_struct_special_symmetry.auth_seq_id 
_pdbx_struct_special_symmetry.PDB_ins_code 
_pdbx_struct_special_symmetry.label_asym_id 
_pdbx_struct_special_symmetry.label_comp_id 
_pdbx_struct_special_symmetry.label_seq_id 
1 1 A HOH 20 ? B HOH . 
2 1 A HOH 47 ? B HOH . 
# 
loop_
_refine_B_iso.class 
_refine_B_iso.details 
_refine_B_iso.treatment 
_refine_B_iso.pdbx_refine_id 
'ALL ATOMS'  TR isotropic 'X-RAY DIFFRACTION' 
'ALL WATERS' TR isotropic 'X-RAY DIFFRACTION' 
# 
loop_
_refine_occupancy.class 
_refine_occupancy.treatment 
_refine_occupancy.pdbx_refine_id 
'ALL ATOMS'  fix 'X-RAY DIFFRACTION' 
'ALL WATERS' fix 'X-RAY DIFFRACTION' 
# 
loop_
_chem_comp_atom.comp_id 
_chem_comp_atom.atom_id 
_chem_comp_atom.type_symbol 
_chem_comp_atom.pdbx_aromatic_flag 
_chem_comp_atom.pdbx_stereo_config 
_chem_comp_atom.pdbx_ordinal 
DC  OP3    O N N 1  
DC  P      P N N 2  
DC  OP1    O N N 3  
DC  OP2    O N N 4  
DC  "O5'"  O N N 5  
DC  "C5'"  C N N 6  
DC  "C4'"  C N R 7  
DC  "O4'"  O N N 8  
DC  "C3'"  C N S 9  
DC  "O3'"  O N N 10 
DC  "C2'"  C N N 11 
DC  "C1'"  C N R 12 
DC  N1     N N N 13 
DC  C2     C N N 14 
DC  O2     O N N 15 
DC  N3     N N N 16 
DC  C4     C N N 17 
DC  N4     N N N 18 
DC  C5     C N N 19 
DC  C6     C N N 20 
DC  HOP3   H N N 21 
DC  HOP2   H N N 22 
DC  "H5'"  H N N 23 
DC  "H5''" H N N 24 
DC  "H4'"  H N N 25 
DC  "H3'"  H N N 26 
DC  "HO3'" H N N 27 
DC  "H2'"  H N N 28 
DC  "H2''" H N N 29 
DC  "H1'"  H N N 30 
DC  H41    H N N 31 
DC  H42    H N N 32 
DC  H5     H N N 33 
DC  H6     H N N 34 
DG  OP3    O N N 35 
DG  P      P N N 36 
DG  OP1    O N N 37 
DG  OP2    O N N 38 
DG  "O5'"  O N N 39 
DG  "C5'"  C N N 40 
DG  "C4'"  C N R 41 
DG  "O4'"  O N N 42 
DG  "C3'"  C N S 43 
DG  "O3'"  O N N 44 
DG  "C2'"  C N N 45 
DG  "C1'"  C N R 46 
DG  N9     N Y N 47 
DG  C8     C Y N 48 
DG  N7     N Y N 49 
DG  C5     C Y N 50 
DG  C6     C N N 51 
DG  O6     O N N 52 
DG  N1     N N N 53 
DG  C2     C N N 54 
DG  N2     N N N 55 
DG  N3     N N N 56 
DG  C4     C Y N 57 
DG  HOP3   H N N 58 
DG  HOP2   H N N 59 
DG  "H5'"  H N N 60 
DG  "H5''" H N N 61 
DG  "H4'"  H N N 62 
DG  "H3'"  H N N 63 
DG  "HO3'" H N N 64 
DG  "H2'"  H N N 65 
DG  "H2''" H N N 66 
DG  "H1'"  H N N 67 
DG  H8     H N N 68 
DG  H1     H N N 69 
DG  H21    H N N 70 
DG  H22    H N N 71 
HOH O      O N N 72 
HOH H1     H N N 73 
HOH H2     H N N 74 
# 
loop_
_chem_comp_bond.comp_id 
_chem_comp_bond.atom_id_1 
_chem_comp_bond.atom_id_2 
_chem_comp_bond.value_order 
_chem_comp_bond.pdbx_aromatic_flag 
_chem_comp_bond.pdbx_stereo_config 
_chem_comp_bond.pdbx_ordinal 
DC  OP3   P      sing N N 1  
DC  OP3   HOP3   sing N N 2  
DC  P     OP1    doub N N 3  
DC  P     OP2    sing N N 4  
DC  P     "O5'"  sing N N 5  
DC  OP2   HOP2   sing N N 6  
DC  "O5'" "C5'"  sing N N 7  
DC  "C5'" "C4'"  sing N N 8  
DC  "C5'" "H5'"  sing N N 9  
DC  "C5'" "H5''" sing N N 10 
DC  "C4'" "O4'"  sing N N 11 
DC  "C4'" "C3'"  sing N N 12 
DC  "C4'" "H4'"  sing N N 13 
DC  "O4'" "C1'"  sing N N 14 
DC  "C3'" "O3'"  sing N N 15 
DC  "C3'" "C2'"  sing N N 16 
DC  "C3'" "H3'"  sing N N 17 
DC  "O3'" "HO3'" sing N N 18 
DC  "C2'" "C1'"  sing N N 19 
DC  "C2'" "H2'"  sing N N 20 
DC  "C2'" "H2''" sing N N 21 
DC  "C1'" N1     sing N N 22 
DC  "C1'" "H1'"  sing N N 23 
DC  N1    C2     sing N N 24 
DC  N1    C6     sing N N 25 
DC  C2    O2     doub N N 26 
DC  C2    N3     sing N N 27 
DC  N3    C4     doub N N 28 
DC  C4    N4     sing N N 29 
DC  C4    C5     sing N N 30 
DC  N4    H41    sing N N 31 
DC  N4    H42    sing N N 32 
DC  C5    C6     doub N N 33 
DC  C5    H5     sing N N 34 
DC  C6    H6     sing N N 35 
DG  OP3   P      sing N N 36 
DG  OP3   HOP3   sing N N 37 
DG  P     OP1    doub N N 38 
DG  P     OP2    sing N N 39 
DG  P     "O5'"  sing N N 40 
DG  OP2   HOP2   sing N N 41 
DG  "O5'" "C5'"  sing N N 42 
DG  "C5'" "C4'"  sing N N 43 
DG  "C5'" "H5'"  sing N N 44 
DG  "C5'" "H5''" sing N N 45 
DG  "C4'" "O4'"  sing N N 46 
DG  "C4'" "C3'"  sing N N 47 
DG  "C4'" "H4'"  sing N N 48 
DG  "O4'" "C1'"  sing N N 49 
DG  "C3'" "O3'"  sing N N 50 
DG  "C3'" "C2'"  sing N N 51 
DG  "C3'" "H3'"  sing N N 52 
DG  "O3'" "HO3'" sing N N 53 
DG  "C2'" "C1'"  sing N N 54 
DG  "C2'" "H2'"  sing N N 55 
DG  "C2'" "H2''" sing N N 56 
DG  "C1'" N9     sing N N 57 
DG  "C1'" "H1'"  sing N N 58 
DG  N9    C8     sing Y N 59 
DG  N9    C4     sing Y N 60 
DG  C8    N7     doub Y N 61 
DG  C8    H8     sing N N 62 
DG  N7    C5     sing Y N 63 
DG  C5    C6     sing N N 64 
DG  C5    C4     doub Y N 65 
DG  C6    O6     doub N N 66 
DG  C6    N1     sing N N 67 
DG  N1    C2     sing N N 68 
DG  N1    H1     sing N N 69 
DG  C2    N2     sing N N 70 
DG  C2    N3     doub N N 71 
DG  N2    H21    sing N N 72 
DG  N2    H22    sing N N 73 
DG  N3    C4     sing N N 74 
HOH O     H1     sing N N 75 
HOH O     H2     sing N N 76 
# 
_ndb_struct_conf_na.entry_id   187D 
_ndb_struct_conf_na.feature    'a-form double helix' 
# 
loop_
_ndb_struct_na_base_pair.model_number 
_ndb_struct_na_base_pair.i_label_asym_id 
_ndb_struct_na_base_pair.i_label_comp_id 
_ndb_struct_na_base_pair.i_label_seq_id 
_ndb_struct_na_base_pair.i_symmetry 
_ndb_struct_na_base_pair.j_label_asym_id 
_ndb_struct_na_base_pair.j_label_comp_id 
_ndb_struct_na_base_pair.j_label_seq_id 
_ndb_struct_na_base_pair.j_symmetry 
_ndb_struct_na_base_pair.shear 
_ndb_struct_na_base_pair.stretch 
_ndb_struct_na_base_pair.stagger 
_ndb_struct_na_base_pair.buckle 
_ndb_struct_na_base_pair.propeller 
_ndb_struct_na_base_pair.opening 
_ndb_struct_na_base_pair.pair_number 
_ndb_struct_na_base_pair.pair_name 
_ndb_struct_na_base_pair.i_auth_asym_id 
_ndb_struct_na_base_pair.i_auth_seq_id 
_ndb_struct_na_base_pair.i_PDB_ins_code 
_ndb_struct_na_base_pair.j_auth_asym_id 
_ndb_struct_na_base_pair.j_auth_seq_id 
_ndb_struct_na_base_pair.j_PDB_ins_code 
_ndb_struct_na_base_pair.hbond_type_28 
_ndb_struct_na_base_pair.hbond_type_12 
1 A DC 1 1_555 A DG 8 7_555 0.432  -0.218 -0.161 6.198  -11.055 -2.492 1 A_DC1:DG8_A A 1 ? A 8 ? 19 1 
1 A DC 2 1_555 A DG 7 7_555 0.244  -0.172 0.178  7.215  -5.950  -2.283 2 A_DC2:DG7_A A 2 ? A 7 ? 19 1 
1 A DC 3 1_555 A DG 6 7_555 0.189  -0.178 -0.037 5.076  -15.574 -1.390 3 A_DC3:DG6_A A 3 ? A 6 ? 19 1 
1 A DC 4 1_555 A DG 5 7_555 0.171  -0.202 0.248  -6.935 -1.615  -1.356 4 A_DC4:DG5_A A 4 ? A 5 ? 19 1 
1 A DG 5 1_555 A DC 4 7_555 -0.171 -0.202 0.248  6.935  -1.615  -1.356 5 A_DG5:DC4_A A 5 ? A 4 ? 19 1 
1 A DG 6 1_555 A DC 3 7_555 -0.189 -0.178 -0.037 -5.076 -15.574 -1.390 6 A_DG6:DC3_A A 6 ? A 3 ? 19 1 
1 A DG 7 1_555 A DC 2 7_555 -0.244 -0.172 0.178  -7.215 -5.950  -2.283 7 A_DG7:DC2_A A 7 ? A 2 ? 19 1 
1 A DG 8 1_555 A DC 1 7_555 -0.432 -0.218 -0.161 -6.198 -11.055 -2.492 8 A_DG8:DC1_A A 8 ? A 1 ? 19 1 
# 
loop_
_ndb_struct_na_base_pair_step.model_number 
_ndb_struct_na_base_pair_step.i_label_asym_id_1 
_ndb_struct_na_base_pair_step.i_label_comp_id_1 
_ndb_struct_na_base_pair_step.i_label_seq_id_1 
_ndb_struct_na_base_pair_step.i_symmetry_1 
_ndb_struct_na_base_pair_step.j_label_asym_id_1 
_ndb_struct_na_base_pair_step.j_label_comp_id_1 
_ndb_struct_na_base_pair_step.j_label_seq_id_1 
_ndb_struct_na_base_pair_step.j_symmetry_1 
_ndb_struct_na_base_pair_step.i_label_asym_id_2 
_ndb_struct_na_base_pair_step.i_label_comp_id_2 
_ndb_struct_na_base_pair_step.i_label_seq_id_2 
_ndb_struct_na_base_pair_step.i_symmetry_2 
_ndb_struct_na_base_pair_step.j_label_asym_id_2 
_ndb_struct_na_base_pair_step.j_label_comp_id_2 
_ndb_struct_na_base_pair_step.j_label_seq_id_2 
_ndb_struct_na_base_pair_step.j_symmetry_2 
_ndb_struct_na_base_pair_step.shift 
_ndb_struct_na_base_pair_step.slide 
_ndb_struct_na_base_pair_step.rise 
_ndb_struct_na_base_pair_step.tilt 
_ndb_struct_na_base_pair_step.roll 
_ndb_struct_na_base_pair_step.twist 
_ndb_struct_na_base_pair_step.x_displacement 
_ndb_struct_na_base_pair_step.y_displacement 
_ndb_struct_na_base_pair_step.helical_rise 
_ndb_struct_na_base_pair_step.inclination 
_ndb_struct_na_base_pair_step.tip 
_ndb_struct_na_base_pair_step.helical_twist 
_ndb_struct_na_base_pair_step.step_number 
_ndb_struct_na_base_pair_step.step_name 
_ndb_struct_na_base_pair_step.i_auth_asym_id_1 
_ndb_struct_na_base_pair_step.i_auth_seq_id_1 
_ndb_struct_na_base_pair_step.i_PDB_ins_code_1 
_ndb_struct_na_base_pair_step.j_auth_asym_id_1 
_ndb_struct_na_base_pair_step.j_auth_seq_id_1 
_ndb_struct_na_base_pair_step.j_PDB_ins_code_1 
_ndb_struct_na_base_pair_step.i_auth_asym_id_2 
_ndb_struct_na_base_pair_step.i_auth_seq_id_2 
_ndb_struct_na_base_pair_step.i_PDB_ins_code_2 
_ndb_struct_na_base_pair_step.j_auth_asym_id_2 
_ndb_struct_na_base_pair_step.j_auth_seq_id_2 
_ndb_struct_na_base_pair_step.j_PDB_ins_code_2 
1 A DC 1 1_555 A DG 8 7_555 A DC 2 1_555 A DG 7 7_555 0.148  -1.507 3.257 -4.800 8.153  33.565 -3.684 -0.934 2.779 13.780 8.113  
34.836 1 AA_DC1DC2:DG7DG8_AA A 1 ? A 8 ? A 2 ? A 7 ? 
1 A DC 2 1_555 A DG 7 7_555 A DC 3 1_555 A DG 6 7_555 -0.310 -2.076 3.379 0.457  2.763  31.428 -4.335 0.656  3.185 5.089  -0.841 
31.549 2 AA_DC2DC3:DG6DG7_AA A 2 ? A 7 ? A 3 ? A 6 ? 
1 A DC 3 1_555 A DG 6 7_555 A DC 4 1_555 A DG 5 7_555 -0.020 -1.565 3.691 -2.475 5.352  35.630 -3.354 -0.351 3.421 8.673  4.010  
36.099 3 AA_DC3DC4:DG5DG6_AA A 3 ? A 6 ? A 4 ? A 5 ? 
1 A DC 4 1_555 A DG 5 7_555 A DG 5 1_555 A DC 4 7_555 0.000  -2.094 3.008 0.000  -2.435 22.762 -4.452 0.000  3.211 -6.147 0.000  
22.890 4 AA_DC4DG5:DC4DG5_AA A 4 ? A 5 ? A 5 ? A 4 ? 
1 A DG 5 1_555 A DC 4 7_555 A DG 6 1_555 A DC 3 7_555 0.020  -1.565 3.691 2.475  5.352  35.630 -3.354 0.351  3.421 8.673  -4.010 
36.099 5 AA_DG5DG6:DC3DC4_AA A 5 ? A 4 ? A 6 ? A 3 ? 
1 A DG 6 1_555 A DC 3 7_555 A DG 7 1_555 A DC 2 7_555 0.310  -2.076 3.379 -0.457 2.763  31.428 -4.335 -0.656 3.185 5.089  0.841  
31.549 6 AA_DG6DG7:DC2DC3_AA A 6 ? A 3 ? A 7 ? A 2 ? 
1 A DG 7 1_555 A DC 2 7_555 A DG 8 1_555 A DC 1 7_555 -0.148 -1.507 3.257 4.800  8.153  33.565 -3.684 0.934  2.779 13.780 -8.113 
34.836 7 AA_DG7DG8:DC1DC2_AA A 7 ? A 2 ? A 8 ? A 1 ? 
# 
_atom_sites.entry_id                    187D 
_atom_sites.fract_transf_matrix[1][1]   -0.00490173 
_atom_sites.fract_transf_matrix[1][2]   0.00407415 
_atom_sites.fract_transf_matrix[1][3]   0.02216475 
_atom_sites.fract_transf_matrix[2][1]   0.00080162 
_atom_sites.fract_transf_matrix[2][2]   0.02270016 
_atom_sites.fract_transf_matrix[2][3]   -0.00399528 
_atom_sites.fract_transf_matrix[3][1]   -0.03932896 
_atom_sites.fract_transf_matrix[3][2]   -0.00013751 
_atom_sites.fract_transf_matrix[3][3]   -0.00867232 
_atom_sites.fract_transf_vector[1]      0.222694 
_atom_sites.fract_transf_vector[2]      0.229006 
_atom_sites.fract_transf_vector[3]      0.101500 
# 
loop_
_atom_type.symbol 
C 
N 
O 
P 
# 
loop_
_atom_site.group_PDB 
_atom_site.id 
_atom_site.type_symbol 
_atom_site.label_atom_id 
_atom_site.label_alt_id 
_atom_site.label_comp_id 
_atom_site.label_asym_id 
_atom_site.label_entity_id 
_atom_site.label_seq_id 
_atom_site.pdbx_PDB_ins_code 
_atom_site.Cartn_x 
_atom_site.Cartn_y 
_atom_site.Cartn_z 
_atom_site.occupancy 
_atom_site.B_iso_or_equiv 
_atom_site.pdbx_formal_charge 
_atom_site.auth_seq_id 
_atom_site.auth_comp_id 
_atom_site.auth_asym_id 
_atom_site.auth_atom_id 
_atom_site.pdbx_PDB_model_num 
ATOM   1   O "O5'" . DC  A 1 1 ? 8.103   -12.079 1.428   1.00 23.63 ? 1  DC  A "O5'" 1 
ATOM   2   C "C5'" . DC  A 1 1 ? 7.376   -13.311 1.191   1.00 23.25 ? 1  DC  A "C5'" 1 
ATOM   3   C "C4'" . DC  A 1 1 ? 6.486   -13.605 2.374   1.00 23.52 ? 1  DC  A "C4'" 1 
ATOM   4   O "O4'" . DC  A 1 1 ? 7.246   -13.324 3.569   1.00 22.79 ? 1  DC  A "O4'" 1 
ATOM   5   C "C3'" . DC  A 1 1 ? 5.221   -12.779 2.507   1.00 24.40 ? 1  DC  A "C3'" 1 
ATOM   6   O "O3'" . DC  A 1 1 ? 4.094   -13.268 1.752   1.00 24.84 ? 1  DC  A "O3'" 1 
ATOM   7   C "C2'" . DC  A 1 1 ? 4.970   -12.840 4.010   1.00 24.28 ? 1  DC  A "C2'" 1 
ATOM   8   C "C1'" . DC  A 1 1 ? 6.362   -12.852 4.596   1.00 23.26 ? 1  DC  A "C1'" 1 
ATOM   9   N N1    . DC  A 1 1 ? 6.832   -11.521 5.046   1.00 23.95 ? 1  DC  A N1    1 
ATOM   10  C C2    . DC  A 1 1 ? 6.322   -11.013 6.248   1.00 22.87 ? 1  DC  A C2    1 
ATOM   11  O O2    . DC  A 1 1 ? 5.498   -11.686 6.869   1.00 23.22 ? 1  DC  A O2    1 
ATOM   12  N N3    . DC  A 1 1 ? 6.734   -9.805  6.689   1.00 22.88 ? 1  DC  A N3    1 
ATOM   13  C C4    . DC  A 1 1 ? 7.628   -9.121  5.976   1.00 23.39 ? 1  DC  A C4    1 
ATOM   14  N N4    . DC  A 1 1 ? 8.013   -7.943  6.463   1.00 24.25 ? 1  DC  A N4    1 
ATOM   15  C C5    . DC  A 1 1 ? 8.163   -9.620  4.751   1.00 22.99 ? 1  DC  A C5    1 
ATOM   16  C C6    . DC  A 1 1 ? 7.747   -10.812 4.324   1.00 23.04 ? 1  DC  A C6    1 
ATOM   17  P P     . DC  A 1 2 ? 3.223   -12.224 0.880   1.00 25.44 ? 2  DC  A P     1 
ATOM   18  O OP1   . DC  A 1 2 ? 2.649   -12.979 -0.250  1.00 27.47 ? 2  DC  A OP1   1 
ATOM   19  O OP2   . DC  A 1 2 ? 4.130   -11.113 0.461   1.00 24.93 ? 2  DC  A OP2   1 
ATOM   20  O "O5'" . DC  A 1 2 ? 2.074   -11.754 1.862   1.00 23.38 ? 2  DC  A "O5'" 1 
ATOM   21  C "C5'" . DC  A 1 2 ? 1.283   -12.756 2.547   1.00 23.47 ? 2  DC  A "C5'" 1 
ATOM   22  C "C4'" . DC  A 1 2 ? 0.745   -12.103 3.797   1.00 25.10 ? 2  DC  A "C4'" 1 
ATOM   23  O "O4'" . DC  A 1 2 ? 1.865   -11.848 4.670   1.00 25.38 ? 2  DC  A "O4'" 1 
ATOM   24  C "C3'" . DC  A 1 2 ? 0.074   -10.744 3.652   1.00 25.27 ? 2  DC  A "C3'" 1 
ATOM   25  O "O3'" . DC  A 1 2 ? -1.293  -10.800 3.229   1.00 26.01 ? 2  DC  A "O3'" 1 
ATOM   26  C "C2'" . DC  A 1 2 ? 0.192   -10.179 5.054   1.00 24.15 ? 2  DC  A "C2'" 1 
ATOM   27  C "C1'" . DC  A 1 2 ? 1.554   -10.687 5.471   1.00 24.53 ? 2  DC  A "C1'" 1 
ATOM   28  N N1    . DC  A 1 2 ? 2.610   -9.660  5.313   1.00 23.98 ? 2  DC  A N1    1 
ATOM   29  C C2    . DC  A 1 2 ? 2.610   -8.603  6.233   1.00 22.27 ? 2  DC  A C2    1 
ATOM   30  O O2    . DC  A 1 2 ? 1.717   -8.591  7.075   1.00 21.84 ? 2  DC  A O2    1 
ATOM   31  N N3    . DC  A 1 2 ? 3.569   -7.664  6.155   1.00 22.87 ? 2  DC  A N3    1 
ATOM   32  C C4    . DC  A 1 2 ? 4.500   -7.750  5.199   1.00 24.49 ? 2  DC  A C4    1 
ATOM   33  N N4    . DC  A 1 2 ? 5.430   -6.792  5.153   1.00 24.94 ? 2  DC  A N4    1 
ATOM   34  C C5    . DC  A 1 2 ? 4.521   -8.820  4.255   1.00 23.63 ? 2  DC  A C5    1 
ATOM   35  C C6    . DC  A 1 2 ? 3.571   -9.748  4.350   1.00 24.09 ? 2  DC  A C6    1 
ATOM   36  P P     . DC  A 1 3 ? -2.027  -9.546  2.597   1.00 26.09 ? 3  DC  A P     1 
ATOM   37  O OP1   . DC  A 1 3 ? -3.444  -9.982  2.342   1.00 26.76 ? 3  DC  A OP1   1 
ATOM   38  O OP2   . DC  A 1 3 ? -1.236  -8.934  1.504   1.00 25.75 ? 3  DC  A OP2   1 
ATOM   39  O "O5'" . DC  A 1 3 ? -2.164  -8.488  3.803   1.00 25.72 ? 3  DC  A "O5'" 1 
ATOM   40  C "C5'" . DC  A 1 3 ? -3.189  -8.846  4.766   1.00 24.93 ? 3  DC  A "C5'" 1 
ATOM   41  C "C4'" . DC  A 1 3 ? -3.173  -7.708  5.750   1.00 23.41 ? 3  DC  A "C4'" 1 
ATOM   42  O "O4'" . DC  A 1 3 ? -1.824  -7.565  6.212   1.00 23.10 ? 3  DC  A "O4'" 1 
ATOM   43  C "C3'" . DC  A 1 3 ? -3.564  -6.357  5.195   1.00 22.23 ? 3  DC  A "C3'" 1 
ATOM   44  O "O3'" . DC  A 1 3 ? -4.984  -6.191  5.198   1.00 23.08 ? 3  DC  A "O3'" 1 
ATOM   45  C "C2'" . DC  A 1 3 ? -2.834  -5.405  6.120   1.00 21.76 ? 3  DC  A "C2'" 1 
ATOM   46  C "C1'" . DC  A 1 3 ? -1.608  -6.184  6.538   1.00 20.77 ? 3  DC  A "C1'" 1 
ATOM   47  N N1    . DC  A 1 3 ? -0.395  -5.711  5.849   1.00 19.56 ? 3  DC  A N1    1 
ATOM   48  C C2    . DC  A 1 3 ? 0.233   -4.560  6.350   1.00 17.21 ? 3  DC  A C2    1 
ATOM   49  O O2    . DC  A 1 3 ? -0.280  -4.017  7.332   1.00 17.20 ? 3  DC  A O2    1 
ATOM   50  N N3    . DC  A 1 3 ? 1.345   -4.110  5.727   1.00 15.74 ? 3  DC  A N3    1 
ATOM   51  C C4    . DC  A 1 3 ? 1.822   -4.746  4.659   1.00 15.98 ? 3  DC  A C4    1 
ATOM   52  N N4    . DC  A 1 3 ? 2.918   -4.263  4.073   1.00 15.26 ? 3  DC  A N4    1 
ATOM   53  C C5    . DC  A 1 3 ? 1.199   -5.921  4.146   1.00 17.60 ? 3  DC  A C5    1 
ATOM   54  C C6    . DC  A 1 3 ? 0.096   -6.364  4.760   1.00 17.93 ? 3  DC  A C6    1 
ATOM   55  P P     . DC  A 1 4 ? -5.753  -5.074  4.362   1.00 24.08 ? 4  DC  A P     1 
ATOM   56  O OP1   . DC  A 1 4 ? -7.194  -5.115  4.709   1.00 24.90 ? 4  DC  A OP1   1 
ATOM   57  O OP2   . DC  A 1 4 ? -5.353  -5.264  2.934   1.00 25.61 ? 4  DC  A OP2   1 
ATOM   58  O "O5'" . DC  A 1 4 ? -5.239  -3.623  4.845   1.00 21.84 ? 4  DC  A "O5'" 1 
ATOM   59  C "C5'" . DC  A 1 4 ? -5.716  -3.068  6.081   1.00 19.21 ? 4  DC  A "C5'" 1 
ATOM   60  C "C4'" . DC  A 1 4 ? -5.045  -1.758  6.417   1.00 17.76 ? 4  DC  A "C4'" 1 
ATOM   61  O "O4'" . DC  A 1 4 ? -3.618  -1.923  6.497   1.00 16.65 ? 4  DC  A "O4'" 1 
ATOM   62  C "C3'" . DC  A 1 4 ? -5.233  -0.656  5.384   1.00 17.94 ? 4  DC  A "C3'" 1 
ATOM   63  O "O3'" . DC  A 1 4 ? -6.523  -0.047  5.587   1.00 19.81 ? 4  DC  A "O3'" 1 
ATOM   64  C "C2'" . DC  A 1 4 ? -4.041  0.243   5.603   1.00 17.27 ? 4  DC  A "C2'" 1 
ATOM   65  C "C1'" . DC  A 1 4 ? -2.966  -0.691  6.117   1.00 14.82 ? 4  DC  A "C1'" 1 
ATOM   66  N N1    . DC  A 1 4 ? -1.921  -1.044  5.146   1.00 13.95 ? 4  DC  A N1    1 
ATOM   67  C C2    . DC  A 1 4 ? -0.887  -0.135  4.891   1.00 13.52 ? 4  DC  A C2    1 
ATOM   68  O O2    . DC  A 1 4 ? -0.903  0.953   5.487   1.00 14.41 ? 4  DC  A O2    1 
ATOM   69  N N3    . DC  A 1 4 ? 0.085   -0.482  4.015   1.00 13.10 ? 4  DC  A N3    1 
ATOM   70  C C4    . DC  A 1 4 ? 0.055   -1.666  3.387   1.00 11.79 ? 4  DC  A C4    1 
ATOM   71  N N4    . DC  A 1 4 ? 1.025   -1.945  2.520   1.00 8.29  ? 4  DC  A N4    1 
ATOM   72  C C5    . DC  A 1 4 ? -0.994  -2.611  3.640   1.00 12.93 ? 4  DC  A C5    1 
ATOM   73  C C6    . DC  A 1 4 ? -1.941  -2.264  4.517   1.00 13.64 ? 4  DC  A C6    1 
ATOM   74  P P     . DG  A 1 5 ? -7.021  0.768   4.280   1.00 19.40 ? 5  DG  A P     1 
ATOM   75  O OP1   . DG  A 1 5 ? -8.426  1.097   4.442   1.00 21.05 ? 5  DG  A OP1   1 
ATOM   76  O OP2   . DG  A 1 5 ? -6.561  0.072   3.071   1.00 19.19 ? 5  DG  A OP2   1 
ATOM   77  O "O5'" . DG  A 1 5 ? -6.030  2.016   4.518   1.00 19.89 ? 5  DG  A "O5'" 1 
ATOM   78  C "C5'" . DG  A 1 5 ? -5.549  2.619   3.282   1.00 20.29 ? 5  DG  A "C5'" 1 
ATOM   79  C "C4'" . DG  A 1 5 ? -4.654  3.768   3.702   1.00 20.23 ? 5  DG  A "C4'" 1 
ATOM   80  O "O4'" . DG  A 1 5 ? -3.434  3.162   4.187   1.00 20.59 ? 5  DG  A "O4'" 1 
ATOM   81  C "C3'" . DG  A 1 5 ? -4.240  4.763   2.631   1.00 19.87 ? 5  DG  A "C3'" 1 
ATOM   82  O "O3'" . DG  A 1 5 ? -5.144  5.868   2.499   1.00 21.42 ? 5  DG  A "O3'" 1 
ATOM   83  C "C2'" . DG  A 1 5 ? -2.869  5.196   3.117   1.00 18.23 ? 5  DG  A "C2'" 1 
ATOM   84  C "C1'" . DG  A 1 5 ? -2.317  3.903   3.666   1.00 15.25 ? 5  DG  A "C1'" 1 
ATOM   85  N N9    . DG  A 1 5 ? -1.650  3.024   2.685   1.00 12.12 ? 5  DG  A N9    1 
ATOM   86  C C8    . DG  A 1 5 ? -2.076  1.819   2.189   1.00 11.35 ? 5  DG  A C8    1 
ATOM   87  N N7    . DG  A 1 5 ? -1.227  1.273   1.358   1.00 10.55 ? 5  DG  A N7    1 
ATOM   88  C C5    . DG  A 1 5 ? -0.165  2.167   1.316   1.00 10.12 ? 5  DG  A C5    1 
ATOM   89  C C6    . DG  A 1 5 ? 1.046   2.105   0.584   1.00 10.60 ? 5  DG  A C6    1 
ATOM   90  O O6    . DG  A 1 5 ? 1.401   1.214   -0.207  1.00 10.89 ? 5  DG  A O6    1 
ATOM   91  N N1    . DG  A 1 5 ? 1.845   3.221   0.827   1.00 9.88  ? 5  DG  A N1    1 
ATOM   92  C C2    . DG  A 1 5 ? 1.512   4.249   1.670   1.00 9.87  ? 5  DG  A C2    1 
ATOM   93  N N2    . DG  A 1 5 ? 2.391   5.252   1.792   1.00 10.78 ? 5  DG  A N2    1 
ATOM   94  N N3    . DG  A 1 5 ? 0.382   4.314   2.360   1.00 9.26  ? 5  DG  A N3    1 
ATOM   95  C C4    . DG  A 1 5 ? -0.409  3.248   2.124   1.00 10.12 ? 5  DG  A C4    1 
ATOM   96  P P     . DG  A 1 6 ? -5.309  6.779   1.207   1.00 22.62 ? 6  DG  A P     1 
ATOM   97  O OP1   . DG  A 1 6 ? -6.308  7.848   1.525   1.00 20.94 ? 6  DG  A OP1   1 
ATOM   98  O OP2   . DG  A 1 6 ? -5.551  5.956   -0.012  1.00 21.79 ? 6  DG  A OP2   1 
ATOM   99  O "O5'" . DG  A 1 6 ? -3.879  7.476   1.053   1.00 21.70 ? 6  DG  A "O5'" 1 
ATOM   100 C "C5'" . DG  A 1 6 ? -3.569  8.783   1.576   1.00 20.03 ? 6  DG  A "C5'" 1 
ATOM   101 C "C4'" . DG  A 1 6 ? -2.132  9.055   1.190   1.00 20.95 ? 6  DG  A "C4'" 1 
ATOM   102 O "O4'" . DG  A 1 6 ? -1.377  7.857   1.415   1.00 18.44 ? 6  DG  A "O4'" 1 
ATOM   103 C "C3'" . DG  A 1 6 ? -1.858  9.384   -0.268  1.00 23.23 ? 6  DG  A "C3'" 1 
ATOM   104 O "O3'" . DG  A 1 6 ? -2.114  10.748  -0.629  1.00 27.05 ? 6  DG  A "O3'" 1 
ATOM   105 C "C2'" . DG  A 1 6 ? -0.376  9.060   -0.412  1.00 20.36 ? 6  DG  A "C2'" 1 
ATOM   106 C "C1'" . DG  A 1 6 ? -0.312  7.825   0.447   1.00 17.34 ? 6  DG  A "C1'" 1 
ATOM   107 N N9    . DG  A 1 6 ? -0.471  6.579   -0.329  1.00 15.27 ? 6  DG  A N9    1 
ATOM   108 C C8    . DG  A 1 6 ? -1.502  5.683   -0.321  1.00 13.53 ? 6  DG  A C8    1 
ATOM   109 N N7    . DG  A 1 6 ? -1.293  4.666   -1.107  1.00 13.30 ? 6  DG  A N7    1 
ATOM   110 C C5    . DG  A 1 6 ? -0.044  4.911   -1.666  1.00 13.08 ? 6  DG  A C5    1 
ATOM   111 C C6    . DG  A 1 6 ? 0.703   4.169   -2.600  1.00 13.47 ? 6  DG  A C6    1 
ATOM   112 O O6    . DG  A 1 6 ? 0.385   3.089   -3.121  1.00 15.60 ? 6  DG  A O6    1 
ATOM   113 N N1    . DG  A 1 6 ? 1.914   4.777   -2.909  1.00 13.30 ? 6  DG  A N1    1 
ATOM   114 C C2    . DG  A 1 6 ? 2.358   5.960   -2.382  1.00 12.90 ? 6  DG  A C2    1 
ATOM   115 N N2    . DG  A 1 6 ? 3.563   6.393   -2.782  1.00 10.63 ? 6  DG  A N2    1 
ATOM   116 N N3    . DG  A 1 6 ? 1.661   6.668   -1.503  1.00 13.72 ? 6  DG  A N3    1 
ATOM   117 C C4    . DG  A 1 6 ? 0.482   6.085   -1.197  1.00 13.71 ? 6  DG  A C4    1 
ATOM   118 P P     . DG  A 1 7 ? -2.810  10.943  -2.064  1.00 29.12 ? 7  DG  A P     1 
ATOM   119 O OP1   . DG  A 1 7 ? -3.090  12.408  -2.030  1.00 31.03 ? 7  DG  A OP1   1 
ATOM   120 O OP2   . DG  A 1 7 ? -3.886  9.963   -2.266  1.00 29.68 ? 7  DG  A OP2   1 
ATOM   121 O "O5'" . DG  A 1 7 ? -1.635  10.671  -3.144  1.00 26.98 ? 7  DG  A "O5'" 1 
ATOM   122 C "C5'" . DG  A 1 7 ? -0.642  11.701  -3.353  1.00 21.91 ? 7  DG  A "C5'" 1 
ATOM   123 C "C4'" . DG  A 1 7 ? 0.472   11.081  -4.152  1.00 19.79 ? 7  DG  A "C4'" 1 
ATOM   124 O "O4'" . DG  A 1 7 ? 0.650   9.714   -3.722  1.00 17.21 ? 7  DG  A "O4'" 1 
ATOM   125 C "C3'" . DG  A 1 7 ? 0.259   10.935  -5.648  1.00 20.16 ? 7  DG  A "C3'" 1 
ATOM   126 O "O3'" . DG  A 1 7 ? 0.460   12.157  -6.374  1.00 22.67 ? 7  DG  A "O3'" 1 
ATOM   127 C "C2'" . DG  A 1 7 ? 1.287   9.878   -6.016  1.00 18.97 ? 7  DG  A "C2'" 1 
ATOM   128 C "C1'" . DG  A 1 7 ? 1.355   9.038   -4.763  1.00 16.99 ? 7  DG  A "C1'" 1 
ATOM   129 N N9    . DG  A 1 7 ? 0.717   7.749   -5.011  1.00 15.96 ? 7  DG  A N9    1 
ATOM   130 C C8    . DG  A 1 7 ? -0.476  7.324   -4.465  1.00 16.22 ? 7  DG  A C8    1 
ATOM   131 N N7    . DG  A 1 7 ? -0.829  6.141   -4.872  1.00 16.52 ? 7  DG  A N7    1 
ATOM   132 C C5    . DG  A 1 7 ? 0.185   5.763   -5.742  1.00 15.59 ? 7  DG  A C5    1 
ATOM   133 C C6    . DG  A 1 7 ? 0.327   4.575   -6.476  1.00 15.51 ? 7  DG  A C6    1 
ATOM   134 O O6    . DG  A 1 7 ? -0.435  3.609   -6.512  1.00 18.53 ? 7  DG  A O6    1 
ATOM   135 N N1    . DG  A 1 7 ? 1.489   4.578   -7.230  1.00 16.97 ? 7  DG  A N1    1 
ATOM   136 C C2    . DG  A 1 7 ? 2.405   5.602   -7.260  1.00 16.37 ? 7  DG  A C2    1 
ATOM   137 N N2    . DG  A 1 7 ? 3.447   5.374   -8.071  1.00 16.78 ? 7  DG  A N2    1 
ATOM   138 N N3    . DG  A 1 7 ? 2.280   6.730   -6.580  1.00 15.66 ? 7  DG  A N3    1 
ATOM   139 C C4    . DG  A 1 7 ? 1.146   6.746   -5.846  1.00 16.28 ? 7  DG  A C4    1 
ATOM   140 P P     . DG  A 1 8 ? 0.054   12.111  -7.921  1.00 24.93 ? 8  DG  A P     1 
ATOM   141 O OP1   . DG  A 1 8 ? 0.243   13.473  -8.451  1.00 24.67 ? 8  DG  A OP1   1 
ATOM   142 O OP2   . DG  A 1 8 ? -1.293  11.491  -8.032  1.00 24.30 ? 8  DG  A OP2   1 
ATOM   143 O "O5'" . DG  A 1 8 ? 1.129   11.091  -8.520  1.00 25.73 ? 8  DG  A "O5'" 1 
ATOM   144 C "C5'" . DG  A 1 8 ? 2.530   11.426  -8.610  1.00 27.55 ? 8  DG  A "C5'" 1 
ATOM   145 C "C4'" . DG  A 1 8 ? 3.162   10.538  -9.674  1.00 28.68 ? 8  DG  A "C4'" 1 
ATOM   146 O "O4'" . DG  A 1 8 ? 2.836   9.170   -9.373  1.00 27.72 ? 8  DG  A "O4'" 1 
ATOM   147 C "C3'" . DG  A 1 8 ? 2.702   10.801  -11.101 1.00 29.37 ? 8  DG  A "C3'" 1 
ATOM   148 O "O3'" . DG  A 1 8 ? 3.802   10.891  -12.043 1.00 32.09 ? 8  DG  A "O3'" 1 
ATOM   149 C "C2'" . DG  A 1 8 ? 1.787   9.643   -11.429 1.00 27.54 ? 8  DG  A "C2'" 1 
ATOM   150 C "C1'" . DG  A 1 8 ? 2.299   8.540   -10.535 1.00 26.07 ? 8  DG  A "C1'" 1 
ATOM   151 N N9    . DG  A 1 8 ? 1.228   7.620   -10.120 1.00 23.57 ? 8  DG  A N9    1 
ATOM   152 C C8    . DG  A 1 8 ? 0.169   7.926   -9.296  1.00 23.33 ? 8  DG  A C8    1 
ATOM   153 N N7    . DG  A 1 8 ? -0.638  6.932   -9.103  1.00 22.62 ? 8  DG  A N7    1 
ATOM   154 C C5    . DG  A 1 8 ? -0.067  5.897   -9.833  1.00 22.92 ? 8  DG  A C5    1 
ATOM   155 C C6    . DG  A 1 8 ? -0.500  4.562   -9.994  1.00 23.43 ? 8  DG  A C6    1 
ATOM   156 O O6    . DG  A 1 8 ? -1.501  4.027   -9.505  1.00 23.47 ? 8  DG  A O6    1 
ATOM   157 N N1    . DG  A 1 8 ? 0.353   3.840   -10.828 1.00 24.02 ? 8  DG  A N1    1 
ATOM   158 C C2    . DG  A 1 8 ? 1.486   4.339   -11.418 1.00 22.76 ? 8  DG  A C2    1 
ATOM   159 N N2    . DG  A 1 8 ? 2.168   3.476   -12.179 1.00 22.45 ? 8  DG  A N2    1 
ATOM   160 N N3    . DG  A 1 8 ? 1.898   5.596   -11.278 1.00 23.62 ? 8  DG  A N3    1 
ATOM   161 C C4    . DG  A 1 8 ? 1.079   6.308   -10.472 1.00 22.98 ? 8  DG  A C4    1 
HETATM 162 O O     . HOH B 2 . ? 4.420   8.314   -6.515  1.00 28.19 ? 9  HOH A O     1 
HETATM 163 O O     . HOH B 2 . ? 0.310   6.167   3.916   1.00 38.84 ? 10 HOH A O     1 
HETATM 164 O O     . HOH B 2 . ? 9.937   -5.695  5.708   1.00 45.15 ? 11 HOH A O     1 
HETATM 165 O O     . HOH B 2 . ? -2.653  7.539   -7.332  1.00 28.77 ? 12 HOH A O     1 
HETATM 166 O O     . HOH B 2 . ? -4.848  6.586   -2.797  1.00 71.69 ? 13 HOH A O     1 
HETATM 167 O O     . HOH B 2 . ? -7.668  -8.797  4.844   1.00 41.11 ? 14 HOH A O     1 
HETATM 168 O O     . HOH B 2 . ? -4.152  3.317   -1.586  1.00 52.58 ? 15 HOH A O     1 
HETATM 169 O O     . HOH B 2 . ? -6.376  10.633  0.313   1.00 51.63 ? 16 HOH A O     1 
HETATM 170 O O     . HOH B 2 . ? 7.082   -6.439  2.912   1.00 41.35 ? 17 HOH A O     1 
HETATM 171 O O     . HOH B 2 . ? -3.616  5.096   -7.411  1.00 24.04 ? 18 HOH A O     1 
HETATM 172 O O     . HOH B 2 . ? 4.268   5.834   -12.978 1.00 25.75 ? 19 HOH A O     1 
HETATM 173 O O     . HOH B 2 . ? 2.583   -1.121  0.006   0.50 21.94 ? 20 HOH A O     1 
HETATM 174 O O     . HOH B 2 . ? -9.550  -1.005  5.987   1.00 44.08 ? 21 HOH A O     1 
HETATM 175 O O     . HOH B 2 . ? 6.367   -8.502  1.207   1.00 18.59 ? 22 HOH A O     1 
HETATM 176 O O     . HOH B 2 . ? 5.782   -12.174 -2.033  1.00 18.19 ? 23 HOH A O     1 
HETATM 177 O O     . HOH B 2 . ? 2.501   -7.390  0.938   1.00 67.54 ? 24 HOH A O     1 
HETATM 178 O O     . HOH B 2 . ? -5.305  8.829   4.545   1.00 61.61 ? 25 HOH A O     1 
HETATM 179 O O     . HOH B 2 . ? -6.683  -4.933  -10.294 1.00 50.30 ? 26 HOH A O     1 
HETATM 180 O O     . HOH B 2 . ? 10.439  -11.220 2.223   1.00 69.35 ? 27 HOH A O     1 
HETATM 181 O O     . HOH B 2 . ? 6.651   -16.483 -0.529  1.00 57.17 ? 28 HOH A O     1 
HETATM 182 O O     . HOH B 2 . ? 5.352   -15.122 -2.447  1.00 52.92 ? 29 HOH A O     1 
HETATM 183 O O     . HOH B 2 . ? -4.544  -12.587 3.385   1.00 46.66 ? 30 HOH A O     1 
HETATM 184 O O     . HOH B 2 . ? -7.793  13.467  -1.117  1.00 45.91 ? 31 HOH A O     1 
HETATM 185 O O     . HOH B 2 . ? -8.970  3.690   5.749   1.00 80.98 ? 32 HOH A O     1 
HETATM 186 O O     . HOH B 2 . ? 0.646   -0.403  -1.885  1.00 35.99 ? 33 HOH A O     1 
HETATM 187 O O     . HOH B 2 . ? 5.671   7.257   -9.013  1.00 50.67 ? 34 HOH A O     1 
HETATM 188 O O     . HOH B 2 . ? 10.427  -7.015  1.358   1.00 55.10 ? 35 HOH A O     1 
HETATM 189 O O     . HOH B 2 . ? -1.242  0.671   -3.420  1.00 41.08 ? 36 HOH A O     1 
HETATM 190 O O     . HOH B 2 . ? 7.496   -4.317  -0.396  1.00 76.26 ? 37 HOH A O     1 
HETATM 191 O O     . HOH B 2 . ? 3.395   -5.301  1.072   1.00 34.13 ? 38 HOH A O     1 
HETATM 192 O O     . HOH B 2 . ? 0.421   -4.535  0.575   1.00 54.22 ? 39 HOH A O     1 
HETATM 193 O O     . HOH B 2 . ? -10.964 2.684   3.488   1.00 77.67 ? 40 HOH A O     1 
HETATM 194 O O     . HOH B 2 . ? -1.726  -0.844  0.139   1.00 53.97 ? 41 HOH A O     1 
HETATM 195 O O     . HOH B 2 . ? -8.601  7.948   2.259   1.00 68.03 ? 42 HOH A O     1 
HETATM 196 O O     . HOH B 2 . ? 6.669   4.114   -10.501 1.00 63.30 ? 43 HOH A O     1 
HETATM 197 O O     . HOH B 2 . ? 4.001   10.692  -15.987 1.00 93.72 ? 44 HOH A O     1 
HETATM 198 O O     . HOH B 2 . ? -9.073  -3.042  3.498   1.00 61.10 ? 45 HOH A O     1 
HETATM 199 O O     . HOH B 2 . ? -7.643  -6.636  7.516   1.00 98.31 ? 46 HOH A O     1 
HETATM 200 O O     . HOH B 2 . ? -8.943  -5.065  -5.315  0.50 80.79 ? 47 HOH A O     1 
# 
